data_2H0A
#
_entry.id   2H0A
#
_cell.length_a   74.450
_cell.length_b   74.450
_cell.length_c   138.680
_cell.angle_alpha   90.00
_cell.angle_beta   90.00
_cell.angle_gamma   90.00
#
_symmetry.space_group_name_H-M   'P 41 21 2'
#
loop_
_entity.id
_entity.type
_entity.pdbx_description
1 polymer 'Transcriptional regulator'
2 water water
#
_entity_poly.entity_id   1
_entity_poly.type   'polypeptide(L)'
_entity_poly.pdbx_seq_one_letter_code
;TVSVLLPFVATEFYRRLVEGIEGVLLEQRYDLALFPILSLARLKRYLENTTLAYLTDGLILASYDLTERFEEGRLPTERP
VVLVDAQNPRYDSVYLDNRLGGRLAGAYLARFPGPIFAIAVEEEPDRAFRRTVFAERMAGFQEALKEAGRPFSPDRLYIT
RHSQEGGRLALRHFLEKASPPLNVFAGADQVALGVLEEAVRLGLTPGRDVRVLGFDGHPFAEEAGLSTIAQPVEAMGARA
AQLLLERMRGYQGPPREVRFEPVLVERASTGTPPAA
;
_entity_poly.pdbx_strand_id   A
#
# COMPACT_ATOMS: atom_id res chain seq x y z
N THR A 1 -3.19 -21.74 -21.09
CA THR A 1 -4.67 -21.72 -20.98
C THR A 1 -5.16 -20.85 -19.82
N VAL A 2 -4.97 -21.31 -18.59
CA VAL A 2 -5.41 -20.57 -17.42
C VAL A 2 -4.27 -20.23 -16.44
N SER A 3 -4.36 -19.07 -15.83
CA SER A 3 -3.37 -18.60 -14.86
C SER A 3 -4.04 -18.42 -13.51
N VAL A 4 -3.38 -18.84 -12.43
CA VAL A 4 -3.95 -18.72 -11.10
C VAL A 4 -3.15 -17.80 -10.16
N LEU A 5 -3.83 -16.83 -9.55
CA LEU A 5 -3.20 -15.90 -8.63
C LEU A 5 -3.75 -16.10 -7.22
N LEU A 6 -2.86 -15.99 -6.23
CA LEU A 6 -3.20 -16.20 -4.84
C LEU A 6 -3.22 -14.94 -3.96
N PRO A 7 -4.42 -14.43 -3.61
CA PRO A 7 -4.57 -13.23 -2.77
C PRO A 7 -5.05 -13.62 -1.38
N PHE A 8 -5.76 -12.71 -0.70
CA PHE A 8 -6.30 -13.03 0.62
C PHE A 8 -7.44 -12.17 1.21
N VAL A 9 -7.08 -11.07 1.87
CA VAL A 9 -8.01 -10.16 2.56
C VAL A 9 -9.22 -9.64 1.78
N ALA A 10 -9.10 -9.47 0.47
CA ALA A 10 -10.19 -8.93 -0.34
C ALA A 10 -10.33 -7.45 0.00
N THR A 11 -9.28 -6.70 -0.29
CA THR A 11 -9.22 -5.26 -0.05
C THR A 11 -9.17 -4.58 -1.41
N GLU A 12 -9.29 -3.26 -1.44
CA GLU A 12 -9.25 -2.54 -2.72
C GLU A 12 -7.90 -2.72 -3.41
N PHE A 13 -6.86 -3.00 -2.63
CA PHE A 13 -5.52 -3.18 -3.15
C PHE A 13 -5.45 -4.41 -4.04
N TYR A 14 -6.24 -5.42 -3.70
CA TYR A 14 -6.23 -6.63 -4.49
C TYR A 14 -7.19 -6.51 -5.66
N ARG A 15 -8.21 -5.67 -5.52
CA ARG A 15 -9.13 -5.51 -6.63
C ARG A 15 -8.34 -4.87 -7.76
N ARG A 16 -7.63 -3.78 -7.43
CA ARG A 16 -6.82 -3.05 -8.41
C ARG A 16 -5.70 -3.91 -8.97
N LEU A 17 -5.13 -4.77 -8.13
CA LEU A 17 -4.03 -5.65 -8.52
C LEU A 17 -4.48 -6.61 -9.60
N VAL A 18 -5.64 -7.21 -9.40
CA VAL A 18 -6.21 -8.17 -10.34
C VAL A 18 -6.73 -7.51 -11.60
N GLU A 19 -7.24 -6.29 -11.46
CA GLU A 19 -7.73 -5.58 -12.64
C GLU A 19 -6.51 -5.41 -13.53
N GLY A 20 -5.37 -5.15 -12.90
CA GLY A 20 -4.13 -4.99 -13.62
C GLY A 20 -3.69 -6.25 -14.32
N ILE A 21 -3.89 -7.40 -13.68
CA ILE A 21 -3.52 -8.68 -14.24
C ILE A 21 -4.50 -9.11 -15.33
N GLU A 22 -5.79 -8.98 -15.06
CA GLU A 22 -6.82 -9.35 -16.02
C GLU A 22 -6.62 -8.56 -17.30
N GLY A 23 -6.49 -7.24 -17.15
CA GLY A 23 -6.28 -6.39 -18.29
C GLY A 23 -5.24 -6.98 -19.21
N VAL A 24 -4.15 -7.46 -18.62
CA VAL A 24 -3.07 -8.04 -19.41
C VAL A 24 -3.38 -9.45 -19.90
N LEU A 25 -3.47 -10.40 -18.96
CA LEU A 25 -3.73 -11.79 -19.32
C LEU A 25 -4.86 -12.07 -20.30
N LEU A 26 -5.98 -11.37 -20.16
CA LEU A 26 -7.12 -11.59 -21.06
C LEU A 26 -6.87 -11.07 -22.47
N GLU A 27 -5.84 -10.25 -22.64
CA GLU A 27 -5.50 -9.73 -23.95
C GLU A 27 -4.77 -10.82 -24.73
N GLN A 28 -4.10 -11.70 -23.99
CA GLN A 28 -3.33 -12.81 -24.56
C GLN A 28 -4.11 -14.10 -24.51
N ARG A 29 -5.42 -13.97 -24.32
CA ARG A 29 -6.34 -15.12 -24.26
C ARG A 29 -6.11 -16.11 -23.12
N TYR A 30 -5.66 -15.64 -21.97
CA TYR A 30 -5.46 -16.53 -20.83
C TYR A 30 -6.60 -16.32 -19.85
N ASP A 31 -6.97 -17.38 -19.13
CA ASP A 31 -8.04 -17.29 -18.14
C ASP A 31 -7.43 -17.12 -16.76
N LEU A 32 -8.12 -16.38 -15.90
CA LEU A 32 -7.62 -16.13 -14.56
C LEU A 32 -8.37 -16.90 -13.48
N ALA A 33 -7.65 -17.64 -12.65
CA ALA A 33 -8.24 -18.41 -11.58
C ALA A 33 -7.87 -17.79 -10.22
N LEU A 34 -8.83 -17.13 -9.61
CA LEU A 34 -8.63 -16.46 -8.33
C LEU A 34 -8.67 -17.45 -7.17
N PHE A 35 -7.60 -17.52 -6.38
CA PHE A 35 -7.56 -18.44 -5.26
C PHE A 35 -7.32 -17.74 -3.91
N PRO A 36 -8.37 -17.13 -3.32
CA PRO A 36 -8.18 -16.46 -2.03
C PRO A 36 -7.50 -17.46 -1.09
N ILE A 37 -6.59 -16.97 -0.26
CA ILE A 37 -5.85 -17.88 0.60
C ILE A 37 -5.75 -17.61 2.09
N LEU A 38 -5.73 -18.73 2.81
CA LEU A 38 -5.57 -18.82 4.26
C LEU A 38 -4.61 -20.00 4.23
N SER A 39 -3.44 -19.84 4.84
CA SER A 39 -2.42 -20.91 4.82
C SER A 39 -2.98 -22.33 4.92
N LEU A 40 -2.52 -23.18 3.99
CA LEU A 40 -2.91 -24.58 3.90
C LEU A 40 -1.77 -25.32 3.18
N ALA A 41 -2.12 -26.32 2.39
CA ALA A 41 -1.11 -27.06 1.64
C ALA A 41 -1.78 -27.89 0.55
N ARG A 42 -1.36 -27.66 -0.69
CA ARG A 42 -1.94 -28.36 -1.81
C ARG A 42 -0.97 -28.43 -3.00
N LEU A 43 -0.80 -29.62 -3.54
CA LEU A 43 0.08 -29.82 -4.68
C LEU A 43 -0.72 -30.25 -5.90
N LYS A 44 -2.00 -29.88 -5.91
CA LYS A 44 -2.86 -30.23 -7.04
C LYS A 44 -2.72 -31.66 -7.52
N TYR A 54 -1.54 -29.12 -10.99
CA TYR A 54 -2.95 -28.88 -11.30
C TYR A 54 -3.13 -28.51 -12.77
N LEU A 55 -4.32 -27.99 -13.11
CA LEU A 55 -4.63 -27.60 -14.48
C LEU A 55 -4.45 -26.11 -14.74
N THR A 56 -3.30 -25.57 -14.31
CA THR A 56 -2.98 -24.16 -14.50
C THR A 56 -1.60 -24.06 -15.15
N ASP A 57 -1.38 -22.99 -15.91
CA ASP A 57 -0.11 -22.79 -16.60
C ASP A 57 0.91 -21.99 -15.80
N GLY A 58 0.43 -21.01 -15.03
CA GLY A 58 1.33 -20.18 -14.25
C GLY A 58 0.68 -19.62 -13.00
N LEU A 59 1.49 -19.28 -12.02
CA LEU A 59 1.00 -18.74 -10.75
C LEU A 59 1.54 -17.35 -10.38
N ILE A 60 0.64 -16.47 -9.96
CA ILE A 60 0.99 -15.12 -9.53
C ILE A 60 0.69 -15.01 -8.04
N LEU A 61 1.73 -14.91 -7.22
CA LEU A 61 1.55 -14.81 -5.77
C LEU A 61 1.55 -13.37 -5.30
N ALA A 62 0.52 -12.98 -4.57
CA ALA A 62 0.39 -11.60 -4.10
C ALA A 62 0.67 -11.34 -2.62
N SER A 63 1.36 -10.23 -2.37
CA SER A 63 1.72 -9.74 -1.04
C SER A 63 2.41 -10.66 -0.04
N TYR A 64 2.17 -11.97 -0.14
CA TYR A 64 2.81 -12.88 0.81
C TYR A 64 3.80 -13.84 0.17
N ASP A 65 4.98 -13.92 0.77
CA ASP A 65 6.06 -14.71 0.20
C ASP A 65 6.16 -16.23 0.27
N LEU A 66 7.08 -16.72 1.08
CA LEU A 66 7.36 -18.15 1.19
C LEU A 66 6.56 -19.02 2.14
N THR A 67 6.99 -20.27 2.23
CA THR A 67 6.38 -21.30 3.08
C THR A 67 5.69 -20.75 4.33
N ARG A 74 10.28 -21.24 -2.71
CA ARG A 74 10.60 -22.65 -2.72
C ARG A 74 9.29 -23.45 -2.82
N LEU A 75 8.42 -23.06 -3.76
CA LEU A 75 7.14 -23.74 -3.95
C LEU A 75 7.34 -25.10 -4.63
N PRO A 76 6.35 -25.99 -4.51
CA PRO A 76 6.40 -27.34 -5.09
C PRO A 76 6.06 -27.51 -6.58
N THR A 77 5.24 -26.64 -7.13
CA THR A 77 4.83 -26.75 -8.53
C THR A 77 5.94 -26.57 -9.58
N GLU A 78 5.73 -27.22 -10.73
CA GLU A 78 6.66 -27.14 -11.86
C GLU A 78 6.29 -25.90 -12.67
N ARG A 79 5.10 -25.37 -12.41
CA ARG A 79 4.62 -24.17 -13.10
C ARG A 79 5.47 -22.97 -12.72
N PRO A 80 5.59 -21.99 -13.65
CA PRO A 80 6.37 -20.78 -13.36
C PRO A 80 5.62 -19.90 -12.35
N VAL A 81 6.35 -19.31 -11.42
CA VAL A 81 5.73 -18.46 -10.40
C VAL A 81 6.34 -17.07 -10.37
N VAL A 82 5.48 -16.06 -10.40
CA VAL A 82 5.93 -14.67 -10.35
C VAL A 82 5.26 -13.96 -9.18
N LEU A 83 6.08 -13.42 -8.28
CA LEU A 83 5.60 -12.72 -7.10
C LEU A 83 5.31 -11.25 -7.39
N VAL A 84 4.27 -10.71 -6.78
CA VAL A 84 3.92 -9.32 -6.96
C VAL A 84 3.67 -8.73 -5.58
N ASP A 85 4.22 -7.55 -5.34
CA ASP A 85 4.09 -6.87 -4.05
C ASP A 85 4.91 -7.64 -3.04
N ALA A 86 5.85 -8.44 -3.54
CA ALA A 86 6.73 -9.26 -2.71
C ALA A 86 8.08 -9.42 -3.41
N GLN A 87 9.09 -9.86 -2.68
CA GLN A 87 10.41 -10.07 -3.25
C GLN A 87 10.95 -11.43 -2.87
N ASN A 88 11.70 -12.03 -3.78
CA ASN A 88 12.28 -13.34 -3.53
C ASN A 88 13.43 -13.57 -4.51
N PRO A 89 14.57 -14.05 -3.99
CA PRO A 89 15.75 -14.32 -4.81
C PRO A 89 15.53 -15.42 -5.85
N ARG A 90 14.50 -16.25 -5.62
CA ARG A 90 14.22 -17.37 -6.51
C ARG A 90 13.04 -17.21 -7.46
N TYR A 91 12.35 -16.07 -7.41
CA TYR A 91 11.21 -15.87 -8.29
C TYR A 91 11.17 -14.46 -8.84
N ASP A 92 10.63 -14.30 -10.04
CA ASP A 92 10.49 -12.98 -10.64
C ASP A 92 9.60 -12.22 -9.67
N SER A 93 10.01 -11.01 -9.29
CA SER A 93 9.24 -10.25 -8.35
C SER A 93 9.05 -8.79 -8.72
N VAL A 94 7.80 -8.33 -8.63
CA VAL A 94 7.50 -6.94 -8.89
C VAL A 94 7.16 -6.44 -7.47
N TYR A 95 7.58 -5.23 -7.15
CA TYR A 95 7.33 -4.68 -5.82
C TYR A 95 7.49 -3.17 -5.82
N LEU A 96 7.02 -2.55 -4.74
CA LEU A 96 7.10 -1.10 -4.61
C LEU A 96 8.14 -0.68 -3.59
N ASP A 97 8.73 0.50 -3.79
CA ASP A 97 9.71 1.02 -2.85
C ASP A 97 8.91 1.75 -1.77
N ASN A 98 8.42 0.99 -0.79
CA ASN A 98 7.64 1.56 0.30
C ASN A 98 8.39 2.49 1.24
N ARG A 99 9.71 2.30 1.36
CA ARG A 99 10.51 3.15 2.24
C ARG A 99 10.45 4.55 1.63
N LEU A 100 10.62 4.61 0.33
CA LEU A 100 10.50 5.86 -0.39
C LEU A 100 8.98 6.02 -0.36
N GLY A 101 8.48 7.23 -0.19
CA GLY A 101 7.03 7.36 -0.13
C GLY A 101 6.76 7.54 1.34
N GLY A 102 7.43 6.74 2.16
CA GLY A 102 7.30 6.92 3.59
C GLY A 102 8.04 8.23 3.76
N ARG A 103 9.10 8.37 2.97
CA ARG A 103 9.91 9.58 2.97
C ARG A 103 9.19 10.69 2.26
N LEU A 104 8.52 10.36 1.15
CA LEU A 104 7.76 11.38 0.44
C LEU A 104 6.73 11.96 1.39
N ALA A 105 6.18 11.11 2.25
CA ALA A 105 5.18 11.51 3.23
C ALA A 105 5.79 12.37 4.33
N GLY A 106 6.90 11.91 4.90
CA GLY A 106 7.55 12.65 5.96
C GLY A 106 8.01 14.04 5.54
N ALA A 107 8.78 14.09 4.45
CA ALA A 107 9.30 15.34 3.91
C ALA A 107 8.17 16.28 3.53
N TYR A 108 7.02 15.71 3.18
CA TYR A 108 5.88 16.51 2.78
C TYR A 108 5.16 17.14 3.96
N LEU A 109 4.79 16.30 4.93
CA LEU A 109 4.09 16.74 6.12
C LEU A 109 4.96 17.68 6.95
N ALA A 110 6.27 17.48 6.82
CA ALA A 110 7.25 18.30 7.52
C ALA A 110 7.18 19.77 7.08
N ARG A 111 6.29 20.08 6.15
CA ARG A 111 6.20 21.44 5.66
C ARG A 111 4.98 22.16 6.21
N PHE A 112 4.33 21.57 7.20
CA PHE A 112 3.12 22.14 7.80
C PHE A 112 3.19 22.41 9.29
N PRO A 113 2.39 23.38 9.77
CA PRO A 113 2.32 23.76 11.18
C PRO A 113 1.60 22.67 12.01
N GLY A 114 1.86 22.66 13.32
CA GLY A 114 1.22 21.68 14.18
C GLY A 114 1.93 20.34 14.18
N PRO A 115 1.88 19.60 15.29
CA PRO A 115 2.52 18.28 15.48
C PRO A 115 2.10 17.23 14.46
N ILE A 116 3.05 16.40 14.05
CA ILE A 116 2.80 15.37 13.08
C ILE A 116 2.60 14.00 13.75
N PHE A 117 1.47 13.36 13.43
CA PHE A 117 1.13 12.06 13.98
C PHE A 117 1.11 11.06 12.85
N ALA A 118 1.20 9.78 13.21
CA ALA A 118 1.18 8.72 12.22
C ALA A 118 0.34 7.54 12.71
N ILE A 119 -0.27 6.84 11.76
CA ILE A 119 -1.09 5.68 12.08
C ILE A 119 -0.41 4.46 11.44
N ALA A 120 -0.16 3.45 12.26
CA ALA A 120 0.48 2.23 11.81
C ALA A 120 -0.51 1.07 11.82
N VAL A 121 -0.65 0.42 10.68
CA VAL A 121 -1.58 -0.70 10.57
C VAL A 121 -0.95 -1.99 11.10
N GLU A 122 -1.68 -2.64 12.01
CA GLU A 122 -1.21 -3.86 12.65
C GLU A 122 -2.17 -5.04 12.42
N GLU A 123 -1.94 -5.77 11.33
CA GLU A 123 -2.76 -6.93 11.01
C GLU A 123 -1.98 -8.21 11.31
N GLU A 124 -2.59 -9.09 12.11
CA GLU A 124 -1.97 -10.36 12.50
C GLU A 124 -1.13 -11.01 11.40
N PRO A 125 -1.64 -11.05 10.16
CA PRO A 125 -0.89 -11.65 9.05
C PRO A 125 0.27 -10.78 8.59
N ASP A 126 1.44 -10.99 9.19
CA ASP A 126 2.63 -10.23 8.83
C ASP A 126 3.75 -11.18 8.40
N ARG A 127 3.38 -12.45 8.24
CA ARG A 127 4.32 -13.49 7.84
C ARG A 127 3.77 -14.26 6.64
N ARG A 131 6.02 -9.91 6.19
CA ARG A 131 5.42 -8.74 5.56
C ARG A 131 5.78 -7.48 6.36
N THR A 132 6.44 -6.53 5.69
CA THR A 132 6.88 -5.31 6.35
C THR A 132 6.64 -4.02 5.56
N VAL A 133 5.67 -4.03 4.65
CA VAL A 133 5.33 -2.85 3.86
C VAL A 133 5.14 -1.64 4.78
N PHE A 134 4.51 -1.87 5.92
CA PHE A 134 4.25 -0.82 6.90
C PHE A 134 5.51 -0.49 7.67
N ALA A 135 6.34 -1.50 7.90
CA ALA A 135 7.59 -1.31 8.62
C ALA A 135 8.48 -0.40 7.78
N GLU A 136 8.47 -0.62 6.48
CA GLU A 136 9.26 0.17 5.55
C GLU A 136 8.74 1.61 5.46
N ARG A 137 7.43 1.76 5.27
CA ARG A 137 6.84 3.09 5.19
C ARG A 137 7.20 3.91 6.41
N MET A 138 7.10 3.28 7.58
CA MET A 138 7.39 3.98 8.84
C MET A 138 8.86 4.35 9.01
N ALA A 139 9.76 3.52 8.47
CA ALA A 139 11.19 3.79 8.57
C ALA A 139 11.60 5.00 7.74
N GLY A 140 11.04 5.10 6.54
CA GLY A 140 11.36 6.23 5.67
C GLY A 140 10.70 7.48 6.21
N PHE A 141 9.54 7.30 6.82
CA PHE A 141 8.81 8.41 7.40
C PHE A 141 9.68 9.06 8.46
N GLN A 142 10.25 8.23 9.33
CA GLN A 142 11.09 8.73 10.40
C GLN A 142 12.39 9.36 9.88
N GLU A 143 12.97 8.76 8.85
CA GLU A 143 14.20 9.28 8.28
C GLU A 143 13.98 10.66 7.67
N ALA A 144 12.90 10.82 6.91
CA ALA A 144 12.62 12.10 6.28
C ALA A 144 12.32 13.17 7.33
N LEU A 145 11.53 12.81 8.34
CA LEU A 145 11.19 13.74 9.41
C LEU A 145 12.43 14.22 10.14
N LYS A 146 13.33 13.28 10.40
CA LYS A 146 14.57 13.57 11.09
C LYS A 146 15.37 14.58 10.26
N GLU A 147 15.57 14.24 8.99
CA GLU A 147 16.33 15.07 8.08
C GLU A 147 15.73 16.45 7.85
N ALA A 148 14.49 16.64 8.29
CA ALA A 148 13.83 17.92 8.11
C ALA A 148 13.79 18.75 9.40
N GLY A 149 14.41 18.24 10.46
CA GLY A 149 14.45 18.94 11.73
C GLY A 149 13.26 18.70 12.65
N ARG A 150 12.29 17.91 12.19
CA ARG A 150 11.10 17.62 12.98
C ARG A 150 10.98 16.12 13.24
N PRO A 151 11.97 15.53 13.94
CA PRO A 151 11.97 14.11 14.26
C PRO A 151 10.68 13.61 14.90
N PHE A 152 10.29 12.39 14.54
CA PHE A 152 9.08 11.73 15.04
C PHE A 152 9.32 11.08 16.39
N SER A 153 8.24 10.75 17.07
CA SER A 153 8.31 10.11 18.37
C SER A 153 7.17 9.11 18.51
N PRO A 154 7.41 8.00 19.21
CA PRO A 154 6.36 6.99 19.38
C PRO A 154 5.15 7.49 20.17
N ASP A 155 5.28 8.65 20.81
CA ASP A 155 4.17 9.19 21.58
C ASP A 155 3.20 9.92 20.65
N ARG A 156 3.52 9.96 19.36
CA ARG A 156 2.66 10.60 18.37
C ARG A 156 2.24 9.57 17.33
N LEU A 157 2.47 8.31 17.69
CA LEU A 157 2.12 7.17 16.86
C LEU A 157 0.89 6.47 17.39
N TYR A 158 0.12 5.85 16.50
CA TYR A 158 -1.06 5.11 16.91
C TYR A 158 -1.10 3.84 16.09
N ILE A 159 -1.29 2.72 16.79
CA ILE A 159 -1.36 1.44 16.13
C ILE A 159 -2.81 0.95 16.15
N THR A 160 -3.27 0.45 15.01
CA THR A 160 -4.64 -0.05 14.91
C THR A 160 -4.84 -0.96 13.69
N ARG A 161 -6.09 -1.27 13.37
CA ARG A 161 -6.39 -2.15 12.25
C ARG A 161 -6.64 -1.34 10.98
N HIS A 162 -6.62 -2.03 9.84
CA HIS A 162 -6.83 -1.39 8.55
C HIS A 162 -8.32 -1.16 8.30
N SER A 163 -8.86 -0.12 8.92
CA SER A 163 -10.27 0.23 8.77
C SER A 163 -10.48 1.71 9.01
N GLN A 164 -11.69 2.17 8.69
CA GLN A 164 -12.03 3.56 8.88
C GLN A 164 -12.23 3.81 10.36
N GLU A 165 -12.69 2.78 11.06
CA GLU A 165 -12.93 2.88 12.50
C GLU A 165 -11.60 3.12 13.21
N GLY A 166 -10.54 2.44 12.75
CA GLY A 166 -9.23 2.62 13.34
C GLY A 166 -8.77 4.07 13.18
N GLY A 167 -9.00 4.63 12.00
CA GLY A 167 -8.62 6.01 11.74
C GLY A 167 -9.38 6.97 12.63
N ARG A 168 -10.66 6.69 12.86
CA ARG A 168 -11.46 7.54 13.71
C ARG A 168 -10.97 7.43 15.15
N LEU A 169 -10.71 6.21 15.60
CA LEU A 169 -10.22 6.00 16.96
C LEU A 169 -8.91 6.79 17.12
N ALA A 170 -8.06 6.76 16.09
CA ALA A 170 -6.77 7.45 16.12
C ALA A 170 -6.85 8.97 16.19
N LEU A 171 -7.63 9.60 15.31
CA LEU A 171 -7.75 11.05 15.35
C LEU A 171 -8.22 11.47 16.75
N ARG A 172 -9.13 10.69 17.31
CA ARG A 172 -9.68 10.95 18.64
C ARG A 172 -8.53 10.89 19.65
N HIS A 173 -7.62 9.95 19.42
CA HIS A 173 -6.45 9.77 20.28
C HIS A 173 -5.51 10.97 20.18
N PHE A 174 -5.20 11.36 18.95
CA PHE A 174 -4.32 12.49 18.71
C PHE A 174 -4.89 13.81 19.26
N LEU A 175 -6.21 13.97 19.18
CA LEU A 175 -6.85 15.19 19.64
C LEU A 175 -6.72 15.45 21.12
N GLU A 176 -6.45 14.42 21.92
CA GLU A 176 -6.29 14.66 23.35
C GLU A 176 -4.83 14.99 23.66
N LYS A 177 -3.98 14.87 22.63
CA LYS A 177 -2.56 15.18 22.74
C LYS A 177 -2.25 16.54 22.12
N ALA A 178 -3.13 17.01 21.23
CA ALA A 178 -2.92 18.28 20.57
C ALA A 178 -4.18 18.87 19.96
N SER A 179 -4.20 20.18 19.84
CA SER A 179 -5.33 20.87 19.27
C SER A 179 -4.99 21.20 17.82
N PRO A 180 -6.02 21.50 17.02
CA PRO A 180 -5.77 21.83 15.62
C PRO A 180 -4.91 23.07 15.59
N PRO A 181 -4.07 23.23 14.55
CA PRO A 181 -3.92 22.31 13.43
C PRO A 181 -2.98 21.17 13.77
N LEU A 182 -3.21 20.03 13.15
CA LEU A 182 -2.34 18.88 13.35
C LEU A 182 -2.32 18.04 12.07
N ASN A 183 -1.20 17.36 11.87
CA ASN A 183 -1.01 16.54 10.70
C ASN A 183 -1.04 15.07 11.02
N VAL A 184 -1.68 14.32 10.14
CA VAL A 184 -1.82 12.87 10.31
C VAL A 184 -1.39 12.09 9.07
N PHE A 185 -0.56 11.08 9.28
CA PHE A 185 -0.14 10.20 8.20
C PHE A 185 -0.90 8.92 8.48
N ALA A 186 -2.03 8.74 7.79
CA ALA A 186 -2.87 7.56 7.96
C ALA A 186 -2.16 6.25 7.73
N GLY A 187 -1.32 6.20 6.69
CA GLY A 187 -0.60 4.97 6.42
C GLY A 187 -1.33 4.10 5.42
N ALA A 188 -2.64 4.30 5.30
CA ALA A 188 -3.48 3.56 4.36
C ALA A 188 -4.70 4.46 4.06
N ASP A 189 -5.17 4.43 2.82
CA ASP A 189 -6.30 5.27 2.47
C ASP A 189 -7.58 4.94 3.24
N GLN A 190 -7.82 3.66 3.49
CA GLN A 190 -9.00 3.23 4.22
C GLN A 190 -9.07 3.90 5.61
N VAL A 191 -7.93 3.90 6.30
CA VAL A 191 -7.81 4.49 7.62
C VAL A 191 -7.95 6.02 7.50
N ALA A 192 -7.36 6.57 6.45
CA ALA A 192 -7.41 8.00 6.17
C ALA A 192 -8.85 8.49 5.97
N LEU A 193 -9.71 7.61 5.46
CA LEU A 193 -11.10 7.96 5.27
C LEU A 193 -11.73 8.17 6.63
N GLY A 194 -11.32 7.37 7.60
CA GLY A 194 -11.87 7.51 8.94
C GLY A 194 -11.43 8.80 9.61
N VAL A 195 -10.15 9.13 9.48
CA VAL A 195 -9.59 10.34 10.08
C VAL A 195 -10.34 11.51 9.48
N LEU A 196 -10.57 11.40 8.17
CA LEU A 196 -11.28 12.41 7.42
C LEU A 196 -12.72 12.53 7.91
N GLU A 197 -13.39 11.38 8.02
CA GLU A 197 -14.78 11.28 8.47
C GLU A 197 -14.98 11.82 9.89
N GLU A 198 -14.16 11.35 10.82
CA GLU A 198 -14.26 11.78 12.21
C GLU A 198 -13.91 13.25 12.37
N ALA A 199 -13.03 13.75 11.52
CA ALA A 199 -12.69 15.15 11.60
C ALA A 199 -13.94 15.94 11.29
N VAL A 200 -14.54 15.67 10.13
CA VAL A 200 -15.75 16.35 9.68
C VAL A 200 -16.86 16.29 10.71
N ARG A 201 -17.02 15.12 11.33
CA ARG A 201 -18.02 14.93 12.36
C ARG A 201 -17.77 15.96 13.47
N LEU A 202 -16.76 16.80 13.28
CA LEU A 202 -16.39 17.84 14.23
C LEU A 202 -16.02 19.15 13.52
N GLY A 203 -14.79 19.24 13.01
CA GLY A 203 -14.36 20.47 12.36
C GLY A 203 -13.56 20.32 11.07
N LEU A 204 -13.39 21.45 10.38
CA LEU A 204 -12.69 21.55 9.09
C LEU A 204 -11.68 20.45 8.84
N THR A 205 -11.51 20.10 7.58
CA THR A 205 -10.62 19.03 7.18
C THR A 205 -9.33 19.44 6.47
N PRO A 206 -9.39 20.52 5.69
CA PRO A 206 -8.19 20.96 4.98
C PRO A 206 -7.10 21.61 5.82
N GLY A 207 -7.46 22.61 6.62
CA GLY A 207 -6.45 23.27 7.42
C GLY A 207 -6.74 23.40 8.90
N ARG A 208 -7.99 23.66 9.26
CA ARG A 208 -8.34 23.83 10.66
C ARG A 208 -7.89 22.64 11.47
N ASP A 209 -8.75 21.63 11.52
CA ASP A 209 -8.42 20.43 12.31
C ASP A 209 -7.15 19.78 11.82
N VAL A 210 -7.30 18.67 11.12
CA VAL A 210 -6.16 17.91 10.65
C VAL A 210 -6.00 17.91 9.15
N ARG A 211 -4.78 17.63 8.75
CA ARG A 211 -4.45 17.51 7.35
C ARG A 211 -4.24 16.03 7.29
N VAL A 212 -4.84 15.36 6.31
CA VAL A 212 -4.73 13.92 6.22
C VAL A 212 -3.99 13.48 4.98
N LEU A 213 -3.03 12.59 5.19
CA LEU A 213 -2.23 12.04 4.12
C LEU A 213 -2.32 10.53 4.19
N GLY A 214 -2.96 9.93 3.19
CA GLY A 214 -3.09 8.48 3.14
C GLY A 214 -1.97 7.83 2.36
N PHE A 215 -2.10 6.52 2.13
CA PHE A 215 -1.12 5.74 1.39
C PHE A 215 -2.02 4.85 0.53
N ASP A 216 -1.52 4.47 -0.65
CA ASP A 216 -2.23 3.62 -1.61
C ASP A 216 -2.95 4.21 -2.82
N GLY A 217 -3.06 5.53 -2.86
CA GLY A 217 -3.71 6.16 -4.00
C GLY A 217 -4.94 5.52 -4.62
N HIS A 218 -5.77 4.89 -3.78
CA HIS A 218 -6.99 4.24 -4.25
C HIS A 218 -7.93 5.16 -5.01
N PRO A 219 -8.71 4.60 -5.93
CA PRO A 219 -9.67 5.39 -6.71
C PRO A 219 -10.60 6.23 -5.83
N PHE A 220 -11.10 5.65 -4.75
CA PHE A 220 -12.00 6.39 -3.90
C PHE A 220 -11.36 7.61 -3.25
N ALA A 221 -10.05 7.75 -3.39
CA ALA A 221 -9.33 8.85 -2.80
C ALA A 221 -9.55 10.20 -3.47
N GLU A 222 -9.87 10.18 -4.76
CA GLU A 222 -10.09 11.43 -5.50
C GLU A 222 -11.37 12.15 -5.10
N GLU A 223 -12.48 11.41 -5.04
CA GLU A 223 -13.74 12.02 -4.65
C GLU A 223 -13.74 12.48 -3.22
N ALA A 224 -12.98 11.79 -2.37
CA ALA A 224 -12.88 12.15 -0.96
C ALA A 224 -12.00 13.37 -0.73
N GLY A 225 -11.23 13.74 -1.75
CA GLY A 225 -10.35 14.89 -1.63
C GLY A 225 -9.15 14.58 -0.75
N LEU A 226 -8.84 13.29 -0.65
CA LEU A 226 -7.73 12.82 0.17
C LEU A 226 -6.37 12.88 -0.54
N SER A 227 -5.40 13.53 0.10
CA SER A 227 -4.06 13.58 -0.47
C SER A 227 -3.51 12.23 -0.09
N THR A 228 -2.61 11.68 -0.90
CA THR A 228 -2.06 10.38 -0.56
C THR A 228 -0.77 10.09 -1.30
N ILE A 229 -0.09 9.03 -0.86
CA ILE A 229 1.13 8.57 -1.50
C ILE A 229 0.57 7.45 -2.38
N ALA A 230 0.41 7.73 -3.67
CA ALA A 230 -0.16 6.77 -4.60
C ALA A 230 0.73 5.64 -5.12
N GLN A 231 0.19 4.43 -5.07
CA GLN A 231 0.84 3.23 -5.56
C GLN A 231 0.23 2.88 -6.92
N PRO A 232 1.07 2.45 -7.89
CA PRO A 232 0.59 2.07 -9.23
C PRO A 232 0.26 0.58 -9.20
N VAL A 233 -0.73 0.23 -8.38
CA VAL A 233 -1.15 -1.16 -8.18
C VAL A 233 -1.58 -1.94 -9.42
N GLU A 234 -2.32 -1.32 -10.32
CA GLU A 234 -2.74 -2.01 -11.53
C GLU A 234 -1.50 -2.31 -12.37
N ALA A 235 -0.67 -1.30 -12.57
CA ALA A 235 0.57 -1.44 -13.35
C ALA A 235 1.45 -2.53 -12.73
N MET A 236 1.40 -2.65 -11.41
CA MET A 236 2.18 -3.66 -10.69
C MET A 236 1.64 -5.04 -11.04
N GLY A 237 0.31 -5.15 -11.13
CA GLY A 237 -0.32 -6.41 -11.48
C GLY A 237 -0.05 -6.72 -12.95
N ALA A 238 -0.25 -5.72 -13.80
CA ALA A 238 0.01 -5.85 -15.23
C ALA A 238 1.45 -6.29 -15.50
N ARG A 239 2.40 -5.70 -14.78
CA ARG A 239 3.79 -6.08 -14.95
C ARG A 239 4.00 -7.52 -14.49
N ALA A 240 3.35 -7.86 -13.38
CA ALA A 240 3.44 -9.21 -12.84
C ALA A 240 2.92 -10.21 -13.88
N ALA A 241 1.85 -9.83 -14.57
CA ALA A 241 1.26 -10.69 -15.59
C ALA A 241 2.23 -10.88 -16.76
N GLN A 242 2.77 -9.78 -17.29
CA GLN A 242 3.69 -9.83 -18.42
C GLN A 242 4.89 -10.74 -18.17
N LEU A 243 5.52 -10.60 -17.02
CA LEU A 243 6.67 -11.43 -16.67
C LEU A 243 6.25 -12.88 -16.73
N LEU A 244 5.09 -13.17 -16.15
CA LEU A 244 4.56 -14.54 -16.13
C LEU A 244 4.44 -15.10 -17.53
N LEU A 245 3.85 -14.32 -18.43
CA LEU A 245 3.67 -14.69 -19.82
C LEU A 245 5.01 -15.02 -20.45
N GLU A 246 5.95 -14.10 -20.30
CA GLU A 246 7.28 -14.29 -20.85
C GLU A 246 7.80 -15.65 -20.41
N ARG A 247 7.61 -15.94 -19.13
CA ARG A 247 8.06 -17.19 -18.58
C ARG A 247 7.22 -18.37 -19.09
N MET A 248 5.90 -18.18 -19.15
CA MET A 248 5.03 -19.25 -19.64
C MET A 248 5.29 -19.52 -21.11
N ARG A 249 5.84 -18.52 -21.80
CA ARG A 249 6.13 -18.63 -23.22
C ARG A 249 7.58 -19.06 -23.50
N GLY A 250 8.19 -19.74 -22.54
CA GLY A 250 9.54 -20.23 -22.74
C GLY A 250 10.74 -19.42 -22.29
N TYR A 251 10.54 -18.23 -21.75
CA TYR A 251 11.69 -17.42 -21.32
C TYR A 251 12.51 -18.07 -20.21
N GLN A 252 13.81 -18.15 -20.42
CA GLN A 252 14.71 -18.74 -19.43
C GLN A 252 15.75 -17.73 -19.02
N GLY A 253 16.09 -17.75 -17.73
CA GLY A 253 17.08 -16.83 -17.20
C GLY A 253 16.90 -16.80 -15.70
N PRO A 254 17.81 -16.15 -14.96
CA PRO A 254 17.63 -16.12 -13.51
C PRO A 254 16.47 -15.23 -13.06
N PRO A 255 16.04 -15.40 -11.80
CA PRO A 255 14.93 -14.63 -11.22
C PRO A 255 15.06 -13.14 -11.48
N ARG A 256 14.09 -12.56 -12.16
CA ARG A 256 14.12 -11.13 -12.45
C ARG A 256 13.50 -10.32 -11.33
N GLU A 257 13.54 -9.01 -11.47
CA GLU A 257 13.01 -8.12 -10.45
C GLU A 257 12.61 -6.78 -11.04
N VAL A 258 11.47 -6.24 -10.59
CA VAL A 258 10.97 -4.95 -11.07
C VAL A 258 10.42 -4.13 -9.90
N ARG A 259 10.99 -2.95 -9.72
CA ARG A 259 10.63 -2.05 -8.63
C ARG A 259 9.87 -0.80 -9.09
N PHE A 260 8.72 -0.57 -8.46
CA PHE A 260 7.89 0.58 -8.77
C PHE A 260 8.11 1.67 -7.72
N GLU A 261 7.73 2.91 -8.04
CA GLU A 261 7.88 4.01 -7.09
C GLU A 261 6.56 4.70 -6.86
N PRO A 262 6.26 5.04 -5.60
CA PRO A 262 5.01 5.73 -5.25
C PRO A 262 5.19 7.22 -5.49
N VAL A 263 4.09 7.95 -5.59
CA VAL A 263 4.19 9.38 -5.85
C VAL A 263 3.15 10.14 -5.04
N LEU A 264 3.53 11.30 -4.55
CA LEU A 264 2.63 12.13 -3.76
C LEU A 264 1.61 12.79 -4.67
N VAL A 265 0.35 12.74 -4.27
CA VAL A 265 -0.70 13.39 -5.03
C VAL A 265 -1.41 14.28 -4.01
N GLU A 266 -1.28 15.59 -4.18
CA GLU A 266 -1.89 16.55 -3.26
C GLU A 266 -3.36 16.86 -3.54
N ARG A 267 -4.17 16.80 -2.50
CA ARG A 267 -5.59 17.09 -2.63
C ARG A 267 -6.01 17.98 -1.46
N ALA A 268 -7.32 18.17 -1.27
CA ALA A 268 -7.83 19.05 -0.22
C ALA A 268 -7.57 18.65 1.24
N SER A 269 -7.61 17.36 1.56
CA SER A 269 -7.39 16.93 2.93
C SER A 269 -6.04 17.43 3.42
N THR A 270 -5.29 18.04 2.55
CA THR A 270 -3.99 18.54 2.94
C THR A 270 -3.73 20.01 2.57
N GLY A 271 -4.03 20.39 1.33
CA GLY A 271 -3.82 21.76 0.92
C GLY A 271 -2.38 22.15 0.58
N THR A 272 -2.07 23.43 0.76
CA THR A 272 -0.73 23.97 0.49
C THR A 272 0.05 24.20 1.77
N PRO A 273 1.31 23.74 1.82
CA PRO A 273 2.23 23.86 2.97
C PRO A 273 2.00 25.02 3.95
N PRO A 274 2.18 26.28 3.51
CA PRO A 274 2.58 26.81 2.21
C PRO A 274 3.96 27.41 2.34
N ALA A 275 4.08 28.69 1.97
CA ALA A 275 5.35 29.38 2.04
C ALA A 275 5.42 30.26 3.29
N ALA A 276 6.62 30.36 3.87
CA ALA A 276 6.88 31.15 5.08
C ALA A 276 6.69 32.65 4.86
#